data_4DXZ
#
_entry.id   4DXZ
#
_cell.length_a   80.316
_cell.length_b   80.316
_cell.length_c   31.098
_cell.angle_alpha   90.00
_cell.angle_beta   90.00
_cell.angle_gamma   90.00
#
_symmetry.space_group_name_H-M   'I 41'
#
loop_
_entity.id
_entity.type
_entity.pdbx_description
1 polymer 'Inhibitor of g-type lysozyme'
2 non-polymer 'SODIUM ION'
3 non-polymer GLYCEROL
4 water water
#
_entity_poly.entity_id   1
_entity_poly.type   'polypeptide(L)'
_entity_poly.pdbx_seq_one_letter_code
;AGKNVNVEFRKGHSSAQYSGEIKGYDYDTYTFYAKKGQKVHVSISNEGADTY(MSE)FGPGIDDSVDLSRYSPELDSHGQ
YSLPASGKYELRV(MSE)QTRNDARKNKTKKYNVDIQIK
;
_entity_poly.pdbx_strand_id   A
#
loop_
_chem_comp.id
_chem_comp.type
_chem_comp.name
_chem_comp.formula
GOL non-polymer GLYCEROL 'C3 H8 O3'
NA non-polymer 'SODIUM ION' 'Na 1'
#
# COMPACT_ATOMS: atom_id res chain seq x y z
N ALA A 1 -11.57 -6.09 -13.17
CA ALA A 1 -10.18 -5.65 -12.92
C ALA A 1 -9.90 -5.61 -11.43
N GLY A 2 -8.94 -4.79 -11.05
CA GLY A 2 -8.62 -4.64 -9.64
C GLY A 2 -9.74 -3.92 -8.91
N LYS A 3 -9.69 -3.99 -7.59
CA LYS A 3 -10.65 -3.32 -6.74
CA LYS A 3 -10.67 -3.28 -6.79
C LYS A 3 -10.05 -2.05 -6.16
N ASN A 4 -10.92 -1.07 -5.88
CA ASN A 4 -10.52 0.19 -5.31
C ASN A 4 -11.28 0.36 -4.02
N VAL A 5 -10.54 0.37 -2.91
CA VAL A 5 -11.10 0.39 -1.58
C VAL A 5 -10.66 1.64 -0.83
N ASN A 6 -11.59 2.26 -0.13
CA ASN A 6 -11.28 3.35 0.80
C ASN A 6 -10.96 2.75 2.15
N VAL A 7 -9.77 3.01 2.64
CA VAL A 7 -9.37 2.49 3.93
C VAL A 7 -10.15 3.21 5.01
N GLU A 8 -10.82 2.45 5.87
CA GLU A 8 -11.63 3.04 6.93
CA GLU A 8 -11.62 3.03 6.93
C GLU A 8 -11.31 2.32 8.23
N PHE A 9 -10.51 2.96 9.06
CA PHE A 9 -10.15 2.38 10.34
C PHE A 9 -11.33 2.38 11.27
N ARG A 10 -11.44 1.34 12.06
CA ARG A 10 -12.32 1.41 13.22
C ARG A 10 -11.90 2.60 14.09
N LYS A 11 -12.88 3.25 14.69
CA LYS A 11 -12.64 4.49 15.40
C LYS A 11 -11.69 4.25 16.57
N GLY A 12 -10.68 5.10 16.68
CA GLY A 12 -9.71 4.95 17.74
C GLY A 12 -8.62 3.93 17.50
N HIS A 13 -8.61 3.31 16.33
CA HIS A 13 -7.61 2.33 15.96
C HIS A 13 -6.78 2.84 14.81
N SER A 14 -5.58 2.28 14.65
CA SER A 14 -4.64 2.80 13.67
C SER A 14 -4.22 1.77 12.64
N SER A 15 -5.01 0.72 12.47
CA SER A 15 -4.77 -0.19 11.37
C SER A 15 -6.06 -0.81 10.88
N ALA A 16 -5.99 -1.38 9.68
CA ALA A 16 -7.07 -2.20 9.10
C ALA A 16 -6.45 -3.25 8.21
N GLN A 17 -7.16 -4.37 8.09
CA GLN A 17 -6.69 -5.52 7.32
C GLN A 17 -7.65 -5.82 6.20
N TYR A 18 -7.10 -6.16 5.05
CA TYR A 18 -7.89 -6.47 3.87
C TYR A 18 -7.35 -7.71 3.25
N SER A 19 -8.17 -8.35 2.45
CA SER A 19 -7.75 -9.50 1.72
C SER A 19 -8.20 -9.29 0.29
N GLY A 20 -7.43 -9.83 -0.63
CA GLY A 20 -7.75 -9.69 -2.02
C GLY A 20 -7.08 -10.76 -2.85
N GLU A 21 -7.26 -10.65 -4.15
CA GLU A 21 -6.65 -11.57 -5.07
C GLU A 21 -6.48 -10.79 -6.34
N ILE A 22 -5.25 -10.71 -6.84
CA ILE A 22 -5.01 -10.00 -8.08
C ILE A 22 -4.64 -10.99 -9.18
N LYS A 23 -5.16 -10.72 -10.36
CA LYS A 23 -4.93 -11.56 -11.51
CA LYS A 23 -4.97 -11.55 -11.52
C LYS A 23 -4.23 -10.73 -12.58
N GLY A 24 -3.23 -11.34 -13.20
CA GLY A 24 -2.51 -10.67 -14.27
C GLY A 24 -2.05 -9.28 -13.89
N TYR A 25 -2.31 -8.30 -14.75
CA TYR A 25 -1.83 -6.94 -14.59
C TYR A 25 -2.74 -6.11 -13.68
N ASP A 26 -3.80 -6.72 -13.16
CA ASP A 26 -4.70 -6.00 -12.27
C ASP A 26 -3.95 -5.53 -11.04
N TYR A 27 -4.38 -4.41 -10.51
CA TYR A 27 -3.87 -4.01 -9.22
C TYR A 27 -5.02 -3.54 -8.37
N ASP A 28 -4.89 -3.75 -7.08
CA ASP A 28 -5.86 -3.26 -6.13
C ASP A 28 -5.33 -1.96 -5.54
N THR A 29 -6.21 -1.04 -5.25
CA THR A 29 -5.81 0.22 -4.66
CA THR A 29 -5.84 0.23 -4.68
C THR A 29 -6.54 0.43 -3.33
N TYR A 30 -5.80 0.93 -2.34
CA TYR A 30 -6.29 1.25 -1.02
C TYR A 30 -5.99 2.71 -0.80
N THR A 31 -7.04 3.51 -0.71
CA THR A 31 -6.84 4.94 -0.61
CA THR A 31 -6.96 4.96 -0.65
C THR A 31 -7.23 5.47 0.75
N PHE A 32 -6.51 6.50 1.18
CA PHE A 32 -6.77 7.09 2.47
C PHE A 32 -6.29 8.53 2.48
N TYR A 33 -6.75 9.27 3.49
CA TYR A 33 -6.36 10.65 3.71
C TYR A 33 -5.60 10.70 4.99
N ALA A 34 -4.48 11.41 5.00
CA ALA A 34 -3.66 11.50 6.18
C ALA A 34 -2.86 12.81 6.18
N LYS A 35 -2.27 13.09 7.33
CA LYS A 35 -1.54 14.33 7.56
C LYS A 35 -0.04 14.14 7.37
N LYS A 36 0.61 15.17 6.84
CA LYS A 36 2.07 15.22 6.76
C LYS A 36 2.68 14.76 8.07
N GLY A 37 3.63 13.84 7.97
CA GLY A 37 4.35 13.39 9.15
C GLY A 37 3.76 12.15 9.81
N GLN A 38 2.52 11.79 9.49
CA GLN A 38 2.03 10.50 9.96
C GLN A 38 2.87 9.38 9.35
N LYS A 39 2.99 8.29 10.08
CA LYS A 39 3.82 7.17 9.65
CA LYS A 39 3.82 7.17 9.67
C LYS A 39 2.98 6.00 9.19
N VAL A 40 3.36 5.47 8.05
CA VAL A 40 2.67 4.35 7.43
CA VAL A 40 2.64 4.34 7.49
C VAL A 40 3.53 3.11 7.53
N HIS A 41 2.89 1.99 7.85
CA HIS A 41 3.54 0.69 7.82
CA HIS A 41 3.54 0.69 7.82
C HIS A 41 2.58 -0.29 7.14
N VAL A 42 3.04 -0.93 6.09
CA VAL A 42 2.25 -1.89 5.35
C VAL A 42 2.90 -3.23 5.41
N SER A 43 2.15 -4.25 5.84
CA SER A 43 2.63 -5.63 5.83
CA SER A 43 2.63 -5.62 5.82
CA SER A 43 2.66 -5.60 5.77
C SER A 43 1.73 -6.45 4.91
N ILE A 44 2.30 -7.37 4.17
CA ILE A 44 1.49 -8.17 3.28
C ILE A 44 1.92 -9.62 3.37
N SER A 45 0.96 -10.54 3.31
CA SER A 45 1.26 -11.95 3.57
C SER A 45 1.98 -12.64 2.41
N ASN A 46 1.80 -12.09 1.22
CA ASN A 46 2.32 -12.68 0.01
C ASN A 46 3.29 -11.66 -0.55
N GLU A 47 4.57 -11.94 -0.40
CA GLU A 47 5.61 -11.04 -0.87
C GLU A 47 5.72 -11.02 -2.39
N GLY A 48 4.96 -11.87 -3.07
CA GLY A 48 4.81 -11.79 -4.50
C GLY A 48 3.85 -10.70 -4.93
N ALA A 49 3.23 -10.04 -3.95
CA ALA A 49 2.38 -8.90 -4.24
C ALA A 49 3.15 -7.65 -3.80
N ASP A 50 3.61 -6.87 -4.77
CA ASP A 50 4.29 -5.61 -4.50
C ASP A 50 3.31 -4.61 -3.88
N THR A 51 3.87 -3.70 -3.09
CA THR A 51 3.14 -2.63 -2.42
C THR A 51 3.85 -1.30 -2.55
N TYR A 52 3.29 -0.43 -3.38
CA TYR A 52 3.86 0.87 -3.67
C TYR A 52 2.83 1.94 -3.36
N MSE A 53 3.31 3.08 -2.89
CA MSE A 53 2.43 4.17 -2.53
C MSE A 53 2.64 5.38 -3.41
O MSE A 53 3.78 5.76 -3.69
CB MSE A 53 2.59 4.53 -1.05
CG MSE A 53 1.57 5.57 -0.64
SE MSE A 53 1.43 5.76 1.28
CE MSE A 53 3.13 6.59 1.48
H MSE A 53 4.15 3.25 -2.76
HA MSE A 53 1.50 3.86 -2.64
HB2 MSE A 53 2.45 3.73 -0.52
HB3 MSE A 53 3.48 4.89 -0.91
HG2 MSE A 53 1.83 6.43 -1.00
HG3 MSE A 53 0.71 5.31 -0.98
HE1 MSE A 53 3.28 6.78 2.40
HE2 MSE A 53 3.82 5.99 1.15
HE3 MSE A 53 3.14 7.40 0.96
N PHE A 54 1.53 6.00 -3.79
CA PHE A 54 1.48 7.20 -4.62
C PHE A 54 0.73 8.30 -3.86
N GLY A 55 1.08 9.55 -4.12
CA GLY A 55 0.35 10.64 -3.53
C GLY A 55 1.09 11.96 -3.55
N PRO A 56 0.50 12.96 -2.89
CA PRO A 56 1.09 14.30 -2.94
C PRO A 56 2.47 14.32 -2.28
N GLY A 57 3.35 15.10 -2.85
CA GLY A 57 4.70 15.21 -2.30
C GLY A 57 5.56 13.99 -2.50
N ILE A 58 5.06 13.01 -3.24
CA ILE A 58 5.84 11.83 -3.61
C ILE A 58 6.06 11.82 -5.10
N ASP A 59 7.32 11.94 -5.49
CA ASP A 59 7.71 11.83 -6.90
CA ASP A 59 7.67 11.83 -6.88
CA ASP A 59 7.64 11.83 -6.90
C ASP A 59 7.59 10.36 -7.29
N ASP A 60 6.76 10.06 -8.29
CA ASP A 60 6.59 8.70 -8.82
C ASP A 60 5.84 7.86 -7.79
N SER A 61 6.55 7.02 -7.04
CA SER A 61 5.95 6.22 -5.97
C SER A 61 7.04 5.78 -5.04
N VAL A 62 6.63 5.21 -3.92
CA VAL A 62 7.57 4.65 -2.96
CA VAL A 62 7.53 4.69 -2.90
C VAL A 62 7.26 3.21 -2.65
N ASP A 63 8.28 2.39 -2.66
CA ASP A 63 8.19 0.97 -2.30
C ASP A 63 8.02 0.87 -0.79
N LEU A 64 6.89 0.29 -0.34
CA LEU A 64 6.64 0.10 1.09
C LEU A 64 6.80 -1.36 1.53
N SER A 65 7.32 -2.20 0.65
CA SER A 65 7.53 -3.63 0.98
C SER A 65 8.60 -3.78 2.06
N ARG A 66 8.65 -4.94 2.70
CA ARG A 66 9.37 -5.00 3.98
C ARG A 66 10.87 -4.72 3.90
N TYR A 67 11.51 -5.04 2.78
CA TYR A 67 12.95 -4.79 2.63
C TYR A 67 13.24 -3.49 1.90
N SER A 68 12.24 -2.66 1.69
CA SER A 68 12.47 -1.43 0.95
C SER A 68 13.40 -0.48 1.67
N PRO A 69 14.34 0.13 0.93
CA PRO A 69 15.22 1.13 1.56
C PRO A 69 14.51 2.43 1.89
N GLU A 70 13.26 2.57 1.46
CA GLU A 70 12.53 3.79 1.74
C GLU A 70 12.05 3.82 3.18
N LEU A 71 12.06 2.66 3.85
CA LEU A 71 11.52 2.55 5.19
C LEU A 71 12.59 2.81 6.21
N ASP A 72 12.19 3.28 7.38
CA ASP A 72 13.13 3.47 8.46
C ASP A 72 13.27 2.17 9.25
N SER A 73 13.99 2.26 10.36
CA SER A 73 14.27 1.08 11.19
C SER A 73 13.05 0.33 11.71
N HIS A 74 11.92 1.01 11.87
CA HIS A 74 10.70 0.38 12.35
C HIS A 74 9.77 -0.06 11.22
N GLY A 75 10.27 -0.05 9.98
CA GLY A 75 9.44 -0.40 8.84
C GLY A 75 8.41 0.65 8.48
N GLN A 76 8.65 1.90 8.89
CA GLN A 76 7.71 2.99 8.64
C GLN A 76 8.21 3.98 7.59
N TYR A 77 7.23 4.64 6.98
CA TYR A 77 7.45 5.69 6.01
C TYR A 77 6.68 6.91 6.50
N SER A 78 7.36 8.05 6.52
CA SER A 78 6.74 9.31 6.93
CA SER A 78 6.76 9.31 6.95
C SER A 78 6.11 10.04 5.76
N LEU A 79 4.82 10.30 5.84
CA LEU A 79 4.15 10.96 4.74
C LEU A 79 4.71 12.37 4.55
N PRO A 80 5.05 12.72 3.31
CA PRO A 80 5.71 14.02 3.09
C PRO A 80 4.77 15.21 2.96
N ALA A 81 3.48 14.94 2.84
CA ALA A 81 2.48 15.99 2.70
C ALA A 81 1.15 15.48 3.27
N SER A 82 0.19 16.38 3.40
CA SER A 82 -1.17 16.02 3.80
CA SER A 82 -1.15 16.00 3.81
C SER A 82 -2.02 15.84 2.56
N GLY A 83 -2.91 14.87 2.59
CA GLY A 83 -3.82 14.65 1.48
C GLY A 83 -4.11 13.20 1.23
N LYS A 84 -4.47 12.91 -0.01
CA LYS A 84 -4.98 11.61 -0.42
CA LYS A 84 -4.97 11.60 -0.39
C LYS A 84 -3.86 10.76 -0.98
N TYR A 85 -3.63 9.62 -0.33
CA TYR A 85 -2.61 8.68 -0.72
C TYR A 85 -3.26 7.41 -1.24
N GLU A 86 -2.50 6.70 -2.06
CA GLU A 86 -2.96 5.47 -2.71
C GLU A 86 -1.91 4.39 -2.58
N LEU A 87 -2.24 3.32 -1.87
CA LEU A 87 -1.42 2.13 -1.86
C LEU A 87 -1.87 1.19 -2.97
N ARG A 88 -0.95 0.81 -3.85
CA ARG A 88 -1.28 -0.14 -4.90
C ARG A 88 -0.63 -1.47 -4.64
N VAL A 89 -1.44 -2.52 -4.78
CA VAL A 89 -1.00 -3.90 -4.62
C VAL A 89 -1.05 -4.55 -5.99
N MSE A 90 0.09 -5.02 -6.47
CA MSE A 90 0.19 -5.53 -7.82
CA MSE A 90 0.14 -5.59 -7.81
C MSE A 90 1.24 -6.64 -7.91
O MSE A 90 2.13 -6.69 -7.08
CB MSE A 90 0.63 -4.40 -8.74
CB MSE A 90 0.43 -4.49 -8.82
CG MSE A 90 2.05 -3.94 -8.48
CG MSE A 90 1.83 -3.97 -8.76
SE MSE A 90 2.50 -2.31 -9.39
SE MSE A 90 2.10 -2.60 -10.07
CE MSE A 90 1.56 -2.69 -11.08
CE MSE A 90 0.86 -1.30 -9.35
H MSE A 90 0.83 -5.07 -6.03
H MSE A 90 0.84 -5.04 -6.05
HA MSE A 90 -0.68 -5.87 -8.12
HA MSE A 90 -0.72 -6.00 -8.02
HB2 MSE A 90 0.57 -4.69 -9.67
HB2 MSE A 90 0.29 -4.86 -9.71
HB3 MSE A 90 0.04 -3.63 -8.61
HB3 MSE A 90 -0.18 -3.75 -8.67
HG2 MSE A 90 2.16 -3.79 -7.52
HG2 MSE A 90 1.99 -3.59 -7.88
HG3 MSE A 90 2.66 -4.64 -8.78
HG3 MSE A 90 2.45 -4.69 -8.94
HE1 MSE A 90 1.68 -1.96 -11.69
HE1 MSE A 90 0.86 -0.52 -9.90
HE2 MSE A 90 1.93 -3.49 -11.47
HE2 MSE A 90 -0.03 -1.69 -9.33
HE3 MSE A 90 0.64 -2.82 -10.90
HE3 MSE A 90 1.12 -1.07 -8.46
N GLN A 91 1.17 -7.45 -8.94
CA GLN A 91 2.21 -8.44 -9.20
C GLN A 91 3.40 -7.84 -9.93
N THR A 92 4.52 -8.54 -9.93
CA THR A 92 5.62 -8.15 -10.82
C THR A 92 5.15 -8.26 -12.27
N ARG A 93 5.81 -7.53 -13.18
CA ARG A 93 5.48 -7.61 -14.60
C ARG A 93 5.65 -9.03 -15.12
N ASN A 94 6.66 -9.73 -14.62
CA ASN A 94 6.93 -11.09 -15.03
C ASN A 94 5.74 -11.98 -14.71
N ASP A 95 5.23 -11.88 -13.50
CA ASP A 95 4.09 -12.71 -13.12
C ASP A 95 2.81 -12.25 -13.80
N ALA A 96 2.65 -10.94 -13.97
CA ALA A 96 1.49 -10.40 -14.65
C ALA A 96 1.43 -10.91 -16.09
N ARG A 97 2.58 -10.92 -16.77
CA ARG A 97 2.69 -11.36 -18.16
C ARG A 97 2.25 -12.81 -18.29
N LYS A 98 2.52 -13.60 -17.25
CA LYS A 98 2.14 -15.01 -17.24
C LYS A 98 0.71 -15.23 -16.75
N ASN A 99 -0.01 -14.15 -16.51
CA ASN A 99 -1.37 -14.21 -15.98
C ASN A 99 -1.45 -15.06 -14.73
N LYS A 100 -0.39 -15.01 -13.92
CA LYS A 100 -0.41 -15.61 -12.61
C LYS A 100 -1.39 -14.86 -11.70
N THR A 101 -1.62 -15.40 -10.51
CA THR A 101 -2.48 -14.76 -9.53
CA THR A 101 -2.48 -14.76 -9.53
C THR A 101 -1.75 -14.68 -8.20
N LYS A 102 -2.17 -13.73 -7.37
CA LYS A 102 -1.67 -13.61 -6.00
C LYS A 102 -2.87 -13.38 -5.09
N LYS A 103 -3.11 -14.32 -4.17
CA LYS A 103 -3.98 -14.06 -3.03
C LYS A 103 -3.16 -13.43 -1.93
N TYR A 104 -3.73 -12.46 -1.24
CA TYR A 104 -2.97 -11.74 -0.23
C TYR A 104 -3.86 -11.19 0.86
N ASN A 105 -3.24 -11.02 2.02
CA ASN A 105 -3.78 -10.30 3.14
C ASN A 105 -2.84 -9.15 3.43
N VAL A 106 -3.38 -7.95 3.53
CA VAL A 106 -2.58 -6.75 3.76
C VAL A 106 -3.06 -6.04 5.02
N ASP A 107 -2.08 -5.62 5.81
CA ASP A 107 -2.32 -4.87 7.01
C ASP A 107 -1.76 -3.47 6.78
N ILE A 108 -2.62 -2.48 6.88
CA ILE A 108 -2.26 -1.09 6.68
C ILE A 108 -2.36 -0.34 7.99
N GLN A 109 -1.23 0.17 8.46
CA GLN A 109 -1.15 0.89 9.72
CA GLN A 109 -1.17 0.90 9.72
C GLN A 109 -0.72 2.32 9.46
N ILE A 110 -1.45 3.27 10.02
CA ILE A 110 -1.16 4.69 9.84
C ILE A 110 -1.30 5.34 11.18
N LYS A 111 -0.20 5.92 11.67
CA LYS A 111 -0.14 6.54 12.99
C LYS A 111 0.33 7.99 12.90
NA NA B . 1.15 -3.13 9.15
NA NA C . -5.55 3.92 -10.17
NA NA D . 9.34 -8.28 -13.49
C1 GOL E . -6.02 7.06 7.70
O1 GOL E . -5.46 8.32 8.01
C2 GOL E . -7.42 6.94 8.26
O2 GOL E . -8.25 7.98 7.79
C3 GOL E . -8.05 5.60 7.89
O3 GOL E . -9.29 5.49 8.57
H11 GOL E . -5.38 6.28 8.11
H12 GOL E . -6.04 6.94 6.62
HO1 GOL E . -4.53 8.35 7.70
H2 GOL E . -7.36 6.99 9.34
HO2 GOL E . -8.36 7.90 6.82
H31 GOL E . -7.39 4.78 8.20
H32 GOL E . -8.19 5.53 6.82
HO3 GOL E . -10.00 5.84 7.99
#